data_4BJA
#
_entry.id   4BJA
#
_cell.length_a   50.440
_cell.length_b   50.440
_cell.length_c   245.270
_cell.angle_alpha   90.00
_cell.angle_beta   90.00
_cell.angle_gamma   120.00
#
_symmetry.space_group_name_H-M   'P 65 2 2'
#
loop_
_entity.id
_entity.type
_entity.pdbx_description
1 polymer 'PROTEIN GLB-12'
2 non-polymer 'PROTOPORPHYRIN IX CONTAINING FE'
3 non-polymer 'SULFATE ION'
4 non-polymer 'ACETATE ION'
5 water water
#
_entity_poly.entity_id   1
_entity_poly.type   'polypeptide(L)'
_entity_poly.pdbx_seq_one_letter_code
;MGATLSAPKKKKTQVGASWVGNESENPFDLALNKKDRTLLRETWQRLDDPKDIVGLIFLDIVNDIEPDLKKVFGVDRAPR
AAMLKMPKFGGHILRFYEFMEQLTSMLGTSENLTGAWQLVRKTGRSHVRQGFLEQNQNQMEKNYFEIVINVFIERLIPFL
TGEQELPSSEGKENKKVRFAQNYTTSQITDVWKKFLNTVISQMTDSFELERAKQKSAQTTKALAPHQHIEISERKKKRVA
EKQSEIENTAVSNEPKAQEQMFEDPF
;
_entity_poly.pdbx_strand_id   A
#
loop_
_chem_comp.id
_chem_comp.type
_chem_comp.name
_chem_comp.formula
ACT non-polymer 'ACETATE ION' 'C2 H3 O2 -1'
HEM non-polymer 'PROTOPORPHYRIN IX CONTAINING FE' 'C34 H32 Fe N4 O4'
SO4 non-polymer 'SULFATE ION' 'O4 S -2'
#
# COMPACT_ATOMS: atom_id res chain seq x y z
N TRP A 19 -12.53 -15.92 -0.32
CA TRP A 19 -11.33 -16.65 -0.83
C TRP A 19 -10.53 -17.16 0.33
N VAL A 20 -10.09 -18.40 0.20
CA VAL A 20 -9.15 -18.98 1.16
C VAL A 20 -7.80 -18.30 1.03
N GLY A 21 -7.38 -18.06 -0.22
CA GLY A 21 -6.08 -17.47 -0.54
C GLY A 21 -5.19 -18.30 -1.47
N ASN A 22 -5.44 -19.61 -1.51
CA ASN A 22 -4.63 -20.49 -2.32
C ASN A 22 -5.17 -20.73 -3.71
N GLU A 23 -6.23 -20.01 -4.08
CA GLU A 23 -6.86 -20.26 -5.38
C GLU A 23 -6.03 -19.82 -6.58
N SER A 24 -6.29 -20.41 -7.75
CA SER A 24 -5.60 -20.05 -8.98
CA SER A 24 -5.67 -20.07 -9.02
C SER A 24 -5.99 -18.65 -9.50
N GLU A 25 -7.03 -18.05 -8.92
CA GLU A 25 -7.51 -16.76 -9.43
C GLU A 25 -6.81 -15.59 -8.74
N ASN A 26 -5.78 -15.91 -7.96
CA ASN A 26 -5.04 -14.87 -7.17
C ASN A 26 -4.50 -13.78 -8.13
N PRO A 27 -4.92 -12.51 -7.98
CA PRO A 27 -4.54 -11.52 -8.99
C PRO A 27 -3.06 -11.19 -8.93
N PHE A 28 -2.41 -11.48 -7.81
CA PHE A 28 -0.98 -11.25 -7.74
C PHE A 28 -0.23 -12.27 -8.56
N ASP A 29 -0.86 -13.41 -8.81
CA ASP A 29 -0.23 -14.34 -9.72
C ASP A 29 -0.59 -14.03 -11.16
N LEU A 30 -1.76 -13.43 -11.40
CA LEU A 30 -2.18 -13.11 -12.76
C LEU A 30 -1.60 -11.83 -13.35
N ALA A 31 -1.45 -10.82 -12.51
CA ALA A 31 -0.94 -9.50 -12.94
C ALA A 31 0.57 -9.45 -12.95
N LEU A 32 1.21 -10.34 -12.20
CA LEU A 32 2.65 -10.30 -12.01
C LEU A 32 3.11 -11.69 -12.35
N ASN A 33 4.21 -11.79 -13.04
CA ASN A 33 4.83 -13.08 -13.24
C ASN A 33 6.03 -13.19 -12.31
N LYS A 34 6.76 -14.30 -12.36
CA LYS A 34 7.87 -14.47 -11.46
C LYS A 34 8.94 -13.38 -11.59
N LYS A 35 9.31 -13.04 -12.80
CA LYS A 35 10.30 -11.98 -13.03
C LYS A 35 9.84 -10.63 -12.48
N ASP A 36 8.54 -10.34 -12.68
CA ASP A 36 7.95 -9.10 -12.12
C ASP A 36 8.10 -9.10 -10.61
N ARG A 37 7.77 -10.22 -9.98
CA ARG A 37 7.79 -10.25 -8.51
C ARG A 37 9.21 -10.10 -8.00
N THR A 38 10.16 -10.72 -8.68
CA THR A 38 11.58 -10.56 -8.27
C THR A 38 11.98 -9.08 -8.39
N LEU A 39 11.58 -8.45 -9.49
CA LEU A 39 11.85 -7.00 -9.66
C LEU A 39 11.27 -6.20 -8.51
N LEU A 40 10.03 -6.53 -8.08
CA LEU A 40 9.40 -5.76 -6.98
C LEU A 40 10.25 -5.87 -5.75
N ARG A 41 10.68 -7.10 -5.40
CA ARG A 41 11.50 -7.27 -4.24
C ARG A 41 12.87 -6.59 -4.38
N GLU A 42 13.55 -6.78 -5.51
CA GLU A 42 14.93 -6.24 -5.66
C GLU A 42 14.91 -4.71 -5.68
N THR A 43 13.95 -4.12 -6.39
CA THR A 43 13.83 -2.65 -6.39
C THR A 43 13.50 -2.07 -5.01
N TRP A 44 12.60 -2.71 -4.26
CA TRP A 44 12.29 -2.26 -2.92
C TRP A 44 13.54 -2.37 -2.03
N GLN A 45 14.28 -3.48 -2.15
CA GLN A 45 15.50 -3.64 -1.36
C GLN A 45 16.64 -2.66 -1.67
N ARG A 46 16.68 -2.14 -2.90
CA ARG A 46 17.71 -1.18 -3.33
C ARG A 46 17.54 0.13 -2.55
N LEU A 47 16.33 0.41 -2.11
CA LEU A 47 16.07 1.63 -1.34
C LEU A 47 16.89 1.74 -0.06
N ASP A 48 17.46 2.91 0.19
CA ASP A 48 18.03 3.16 1.50
C ASP A 48 16.98 3.89 2.33
N ASP A 49 16.83 3.44 3.56
CA ASP A 49 15.75 3.84 4.48
C ASP A 49 14.34 3.93 3.87
N PRO A 50 13.80 2.78 3.47
CA PRO A 50 12.43 2.71 3.00
C PRO A 50 11.41 3.24 4.01
N LYS A 51 11.60 3.03 5.32
CA LYS A 51 10.64 3.58 6.30
C LYS A 51 10.60 5.11 6.28
N ASP A 52 11.77 5.73 6.08
CA ASP A 52 11.83 7.18 5.97
C ASP A 52 11.04 7.65 4.74
N ILE A 53 11.21 6.97 3.60
CA ILE A 53 10.47 7.32 2.39
C ILE A 53 8.95 7.16 2.61
N VAL A 54 8.54 6.06 3.24
CA VAL A 54 7.15 5.86 3.54
C VAL A 54 6.62 7.02 4.41
N GLY A 55 7.40 7.39 5.45
CA GLY A 55 7.06 8.52 6.32
C GLY A 55 6.87 9.82 5.51
N LEU A 56 7.79 10.11 4.58
CA LEU A 56 7.77 11.38 3.79
C LEU A 56 6.51 11.41 2.92
N ILE A 57 6.18 10.24 2.35
CA ILE A 57 5.00 10.15 1.50
C ILE A 57 3.71 10.32 2.33
N PHE A 58 3.61 9.68 3.50
CA PHE A 58 2.47 9.90 4.35
C PHE A 58 2.39 11.37 4.81
N LEU A 59 3.52 12.01 5.03
CA LEU A 59 3.47 13.45 5.40
C LEU A 59 2.85 14.23 4.23
N ASP A 60 3.27 13.96 2.99
CA ASP A 60 2.59 14.59 1.83
C ASP A 60 1.09 14.26 1.75
N ILE A 61 0.71 13.00 1.96
CA ILE A 61 -0.69 12.64 1.91
C ILE A 61 -1.56 13.46 2.88
N VAL A 62 -1.17 13.52 4.15
CA VAL A 62 -2.01 14.17 5.14
C VAL A 62 -1.89 15.70 5.09
N ASN A 63 -0.77 16.21 4.65
CA ASN A 63 -0.64 17.67 4.66
C ASN A 63 -1.04 18.32 3.37
N ASP A 64 -0.77 17.65 2.25
CA ASP A 64 -0.96 18.30 0.94
C ASP A 64 -2.11 17.73 0.14
N ILE A 65 -2.40 16.44 0.29
CA ILE A 65 -3.30 15.82 -0.66
C ILE A 65 -4.65 15.57 -0.07
N GLU A 66 -4.71 14.93 1.11
CA GLU A 66 -6.00 14.57 1.69
C GLU A 66 -5.97 14.97 3.18
N PRO A 67 -6.12 16.26 3.45
CA PRO A 67 -6.00 16.72 4.83
C PRO A 67 -7.10 16.24 5.78
N ASP A 68 -8.23 15.74 5.26
CA ASP A 68 -9.24 15.05 6.09
C ASP A 68 -8.62 13.93 6.94
N LEU A 69 -7.50 13.38 6.48
CA LEU A 69 -6.82 12.27 7.17
C LEU A 69 -6.03 12.71 8.38
N LYS A 70 -5.81 14.01 8.54
CA LYS A 70 -5.02 14.47 9.69
C LYS A 70 -5.73 14.09 10.99
N LYS A 71 -7.03 14.33 11.04
CA LYS A 71 -7.84 14.04 12.26
C LYS A 71 -7.83 12.55 12.57
N VAL A 72 -7.88 11.73 11.54
CA VAL A 72 -7.93 10.29 11.69
C VAL A 72 -6.69 9.84 12.42
N PHE A 73 -5.57 10.41 12.00
CA PHE A 73 -4.26 10.01 12.50
C PHE A 73 -3.79 10.83 13.70
N GLY A 74 -4.71 11.65 14.22
CA GLY A 74 -4.42 12.46 15.39
C GLY A 74 -3.39 13.57 15.20
N VAL A 75 -3.25 14.09 13.96
CA VAL A 75 -2.19 15.07 13.64
C VAL A 75 -2.77 16.37 13.09
N ASP A 76 -4.02 16.60 13.42
CA ASP A 76 -4.69 17.82 13.05
C ASP A 76 -4.11 19.08 13.72
N ARG A 77 -3.24 18.94 14.74
CA ARG A 77 -2.55 20.15 15.29
C ARG A 77 -1.05 20.12 15.20
N ALA A 78 -0.49 18.93 15.06
CA ALA A 78 0.95 18.76 15.06
C ALA A 78 1.54 19.46 13.84
N PRO A 79 2.62 20.25 14.03
CA PRO A 79 3.25 20.75 12.80
C PRO A 79 3.67 19.54 12.00
N ARG A 80 3.82 19.71 10.68
CA ARG A 80 4.36 18.66 9.83
C ARG A 80 5.60 18.07 10.49
N ALA A 81 6.47 18.92 11.05
CA ALA A 81 7.70 18.46 11.69
C ALA A 81 7.57 17.60 12.97
N ALA A 82 6.40 17.60 13.62
CA ALA A 82 6.16 16.72 14.79
C ALA A 82 5.35 15.47 14.52
N MET A 83 4.77 15.39 13.32
CA MET A 83 3.78 14.33 13.04
C MET A 83 4.35 12.94 13.14
N LEU A 84 5.60 12.75 12.70
CA LEU A 84 6.17 11.39 12.67
C LEU A 84 6.22 10.77 14.07
N LYS A 85 6.23 11.63 15.09
CA LYS A 85 6.23 11.14 16.49
C LYS A 85 4.89 10.87 17.13
N MET A 86 3.83 11.32 16.50
CA MET A 86 2.50 11.11 17.04
C MET A 86 2.10 9.66 16.83
N PRO A 87 1.41 9.09 17.80
CA PRO A 87 1.32 7.61 17.86
C PRO A 87 0.54 7.00 16.74
N LYS A 88 -0.64 7.54 16.42
CA LYS A 88 -1.45 6.88 15.35
C LYS A 88 -0.79 7.08 14.01
N PHE A 89 -0.18 8.26 13.82
CA PHE A 89 0.44 8.57 12.51
C PHE A 89 1.78 7.82 12.30
N GLY A 90 2.71 7.94 13.25
CA GLY A 90 3.97 7.23 13.18
C GLY A 90 3.65 5.73 13.21
N GLY A 91 2.58 5.32 13.91
CA GLY A 91 2.21 3.87 13.99
C GLY A 91 1.81 3.38 12.60
N HIS A 92 1.07 4.22 11.91
CA HIS A 92 0.60 3.81 10.60
C HIS A 92 1.72 3.70 9.60
N ILE A 93 2.66 4.64 9.66
CA ILE A 93 3.84 4.59 8.83
C ILE A 93 4.63 3.27 9.05
N LEU A 94 4.81 2.89 10.32
CA LEU A 94 5.47 1.63 10.64
C LEU A 94 4.68 0.44 10.05
N ARG A 95 3.37 0.45 10.24
CA ARG A 95 2.51 -0.68 9.82
C ARG A 95 2.51 -0.82 8.30
N PHE A 96 2.44 0.31 7.61
CA PHE A 96 2.40 0.32 6.14
C PHE A 96 3.75 -0.12 5.60
N TYR A 97 4.83 0.39 6.19
CA TYR A 97 6.16 -0.08 5.81
C TYR A 97 6.30 -1.62 6.01
N GLU A 98 5.87 -2.12 7.17
CA GLU A 98 5.98 -3.58 7.46
C GLU A 98 5.14 -4.39 6.48
N PHE A 99 3.97 -3.88 6.15
CA PHE A 99 3.07 -4.53 5.18
C PHE A 99 3.74 -4.63 3.82
N MET A 100 4.37 -3.54 3.34
CA MET A 100 5.07 -3.58 2.06
CA MET A 100 5.08 -3.58 2.05
C MET A 100 6.31 -4.48 2.09
N GLU A 101 7.02 -4.47 3.22
CA GLU A 101 8.21 -5.30 3.41
C GLU A 101 7.80 -6.78 3.28
N GLN A 102 6.75 -7.14 4.00
CA GLN A 102 6.32 -8.55 4.04
C GLN A 102 5.76 -8.94 2.69
N LEU A 103 4.93 -8.06 2.12
CA LEU A 103 4.24 -8.38 0.86
C LEU A 103 5.29 -8.56 -0.26
N THR A 104 6.26 -7.66 -0.36
CA THR A 104 7.27 -7.78 -1.44
C THR A 104 8.15 -9.02 -1.22
N SER A 105 8.43 -9.33 0.03
CA SER A 105 9.22 -10.55 0.35
C SER A 105 8.42 -11.81 -0.03
N MET A 106 7.15 -11.84 0.33
CA MET A 106 6.34 -13.02 0.02
C MET A 106 6.25 -13.21 -1.46
N LEU A 107 6.04 -12.12 -2.22
CA LEU A 107 5.87 -12.20 -3.66
C LEU A 107 7.18 -12.54 -4.34
N GLY A 108 8.26 -11.88 -3.94
CA GLY A 108 9.44 -11.87 -4.77
C GLY A 108 10.54 -12.75 -4.25
N THR A 109 10.47 -13.15 -3.00
CA THR A 109 11.51 -14.02 -2.45
C THR A 109 10.97 -15.41 -2.26
N SER A 110 9.95 -15.55 -1.45
CA SER A 110 9.47 -16.89 -1.13
C SER A 110 8.45 -17.45 -2.14
N GLU A 111 7.96 -16.64 -3.09
CA GLU A 111 6.83 -17.05 -3.93
C GLU A 111 5.67 -17.61 -3.16
N ASN A 112 5.43 -17.02 -1.98
CA ASN A 112 4.30 -17.38 -1.17
C ASN A 112 3.14 -16.50 -1.64
N LEU A 113 2.54 -16.91 -2.74
CA LEU A 113 1.54 -16.07 -3.38
CA LEU A 113 1.50 -16.10 -3.39
C LEU A 113 0.24 -16.12 -2.56
N THR A 114 -0.05 -17.26 -1.92
CA THR A 114 -1.19 -17.40 -1.04
C THR A 114 -1.09 -16.44 0.12
N GLY A 115 0.04 -16.42 0.80
CA GLY A 115 0.19 -15.54 1.96
C GLY A 115 0.12 -14.07 1.55
N ALA A 116 0.62 -13.75 0.36
CA ALA A 116 0.60 -12.34 -0.11
C ALA A 116 -0.85 -11.91 -0.31
N TRP A 117 -1.63 -12.72 -1.03
CA TRP A 117 -3.04 -12.37 -1.25
C TRP A 117 -3.80 -12.32 0.07
N GLN A 118 -3.56 -13.32 0.94
CA GLN A 118 -4.25 -13.35 2.23
C GLN A 118 -3.96 -12.09 3.07
N LEU A 119 -2.70 -11.67 3.06
CA LEU A 119 -2.26 -10.44 3.80
C LEU A 119 -3.04 -9.24 3.30
N VAL A 120 -3.14 -9.12 1.99
CA VAL A 120 -3.82 -7.91 1.45
C VAL A 120 -5.32 -7.92 1.79
N ARG A 121 -5.98 -9.06 1.63
CA ARG A 121 -7.40 -9.11 1.91
C ARG A 121 -7.66 -8.96 3.42
N LYS A 122 -6.82 -9.52 4.28
CA LYS A 122 -6.99 -9.44 5.72
C LYS A 122 -6.86 -7.98 6.16
N THR A 123 -5.92 -7.29 5.52
CA THR A 123 -5.68 -5.87 5.86
C THR A 123 -6.87 -5.05 5.42
N GLY A 124 -7.40 -5.33 4.22
CA GLY A 124 -8.61 -4.66 3.74
C GLY A 124 -9.78 -4.84 4.72
N ARG A 125 -10.01 -6.09 5.13
CA ARG A 125 -11.10 -6.39 6.07
C ARG A 125 -10.92 -5.68 7.40
N SER A 126 -9.67 -5.56 7.86
CA SER A 126 -9.40 -5.04 9.18
CA SER A 126 -9.41 -5.05 9.18
C SER A 126 -9.70 -3.56 9.25
N HIS A 127 -9.64 -2.90 8.11
CA HIS A 127 -9.91 -1.45 8.10
C HIS A 127 -11.35 -1.09 8.33
N VAL A 128 -12.26 -2.07 8.26
CA VAL A 128 -13.66 -1.81 8.49
C VAL A 128 -13.87 -1.33 9.95
N ARG A 129 -12.91 -1.66 10.82
CA ARG A 129 -12.94 -1.24 12.23
C ARG A 129 -12.68 0.27 12.41
N GLN A 130 -12.11 0.91 11.39
CA GLN A 130 -11.84 2.34 11.39
C GLN A 130 -13.10 3.07 11.06
N GLY A 131 -13.66 3.78 12.03
CA GLY A 131 -14.98 4.37 11.84
C GLY A 131 -15.01 5.36 10.71
N PHE A 132 -13.91 6.11 10.52
CA PHE A 132 -13.83 7.08 9.45
C PHE A 132 -14.02 6.36 8.13
N LEU A 133 -13.36 5.21 7.98
CA LEU A 133 -13.49 4.50 6.71
C LEU A 133 -14.84 3.81 6.59
N GLU A 134 -15.33 3.19 7.67
CA GLU A 134 -16.64 2.55 7.64
C GLU A 134 -17.72 3.54 7.14
N GLN A 135 -17.65 4.76 7.65
CA GLN A 135 -18.58 5.81 7.25
C GLN A 135 -18.30 6.42 5.88
N ASN A 136 -17.04 6.63 5.52
CA ASN A 136 -16.71 7.46 4.36
C ASN A 136 -16.14 6.77 3.14
N GLN A 137 -15.59 5.57 3.32
CA GLN A 137 -15.07 4.83 2.17
C GLN A 137 -16.18 4.55 1.17
N ASN A 138 -15.97 4.95 -0.08
CA ASN A 138 -17.06 5.03 -1.05
C ASN A 138 -16.54 5.06 -2.48
N GLN A 139 -16.65 3.93 -3.17
CA GLN A 139 -16.19 3.80 -4.57
C GLN A 139 -16.85 4.79 -5.59
N MET A 140 -17.98 5.38 -5.21
CA MET A 140 -18.69 6.37 -6.04
C MET A 140 -18.05 7.77 -5.92
N GLU A 141 -17.32 7.98 -4.83
CA GLU A 141 -16.92 9.30 -4.36
C GLU A 141 -15.46 9.45 -3.91
N LYS A 142 -15.08 8.85 -2.79
CA LYS A 142 -13.67 8.74 -2.42
C LYS A 142 -13.34 7.32 -2.01
N ASN A 143 -12.37 6.76 -2.71
CA ASN A 143 -11.78 5.49 -2.25
C ASN A 143 -10.44 5.83 -1.58
N TYR A 144 -10.38 5.76 -0.25
CA TYR A 144 -9.20 6.21 0.49
C TYR A 144 -8.00 5.29 0.29
N PHE A 145 -8.22 4.00 -0.03
CA PHE A 145 -7.08 3.16 -0.32
C PHE A 145 -6.46 3.60 -1.63
N GLU A 146 -7.32 3.96 -2.59
CA GLU A 146 -6.84 4.46 -3.84
C GLU A 146 -6.12 5.84 -3.67
N ILE A 147 -6.68 6.72 -2.84
CA ILE A 147 -6.10 8.03 -2.64
C ILE A 147 -4.67 7.87 -2.07
N VAL A 148 -4.52 6.99 -1.09
CA VAL A 148 -3.20 6.81 -0.45
C VAL A 148 -2.24 6.19 -1.43
N ILE A 149 -2.65 5.06 -2.03
CA ILE A 149 -1.71 4.33 -2.90
C ILE A 149 -1.37 5.14 -4.14
N ASN A 150 -2.31 5.97 -4.62
CA ASN A 150 -1.95 6.82 -5.77
C ASN A 150 -0.81 7.78 -5.46
N VAL A 151 -0.73 8.26 -4.21
CA VAL A 151 0.41 9.12 -3.88
C VAL A 151 1.70 8.31 -3.89
N PHE A 152 1.61 7.04 -3.42
CA PHE A 152 2.75 6.17 -3.59
C PHE A 152 3.14 5.93 -5.05
N ILE A 153 2.15 5.74 -5.91
CA ILE A 153 2.46 5.58 -7.34
C ILE A 153 3.23 6.81 -7.87
N GLU A 154 2.79 8.00 -7.47
CA GLU A 154 3.45 9.22 -7.98
C GLU A 154 4.83 9.50 -7.36
N ARG A 155 4.97 9.16 -6.07
CA ARG A 155 6.14 9.54 -5.27
CA ARG A 155 6.15 9.54 -5.31
C ARG A 155 7.15 8.42 -5.02
N LEU A 156 6.66 7.19 -4.77
CA LEU A 156 7.59 6.09 -4.49
C LEU A 156 8.29 5.61 -5.74
N ILE A 157 7.57 5.55 -6.86
CA ILE A 157 8.14 4.95 -8.07
C ILE A 157 9.42 5.67 -8.57
N PRO A 158 9.45 7.01 -8.55
CA PRO A 158 10.73 7.65 -8.92
C PRO A 158 11.91 7.32 -8.03
N PHE A 159 11.70 7.03 -6.71
CA PHE A 159 12.79 6.51 -5.89
C PHE A 159 13.20 5.10 -6.36
N LEU A 160 12.20 4.28 -6.70
CA LEU A 160 12.44 2.88 -7.07
C LEU A 160 13.19 2.78 -8.39
N THR A 161 13.01 3.76 -9.27
CA THR A 161 13.66 3.74 -10.55
C THR A 161 15.05 4.40 -10.48
N GLY A 162 15.31 5.07 -9.36
CA GLY A 162 16.54 5.82 -9.21
C GLY A 162 16.45 7.19 -9.89
N GLU A 163 15.32 7.57 -10.45
CA GLU A 163 15.16 8.87 -11.05
C GLU A 163 15.18 9.98 -10.00
N GLN A 164 14.87 9.64 -8.76
CA GLN A 164 14.88 10.56 -7.60
C GLN A 164 15.68 9.96 -6.43
N GLU A 165 16.26 10.81 -5.57
CA GLU A 165 17.11 10.36 -4.45
C GLU A 165 16.74 10.97 -3.10
N LEU A 166 17.19 10.36 -1.99
CA LEU A 166 16.73 10.76 -0.67
C LEU A 166 17.88 11.15 0.28
N ASN A 182 19.61 -5.24 -17.45
CA ASN A 182 18.94 -5.16 -16.17
C ASN A 182 17.68 -4.28 -16.29
N TYR A 183 17.04 -3.99 -15.16
CA TYR A 183 15.69 -3.41 -15.22
C TYR A 183 15.68 -2.02 -15.82
N THR A 184 14.75 -1.77 -16.74
CA THR A 184 14.62 -0.43 -17.28
C THR A 184 13.63 0.36 -16.44
N THR A 185 13.67 1.68 -16.58
CA THR A 185 12.76 2.56 -15.88
C THR A 185 11.31 2.25 -16.22
N SER A 186 11.05 1.99 -17.50
CA SER A 186 9.73 1.65 -17.94
C SER A 186 9.23 0.34 -17.33
N GLN A 187 10.11 -0.67 -17.29
CA GLN A 187 9.77 -1.93 -16.63
C GLN A 187 9.40 -1.73 -15.17
N ILE A 188 10.25 -1.02 -14.43
CA ILE A 188 10.05 -0.88 -13.00
C ILE A 188 8.74 -0.12 -12.76
N THR A 189 8.54 0.94 -13.53
CA THR A 189 7.31 1.72 -13.41
C THR A 189 6.04 0.87 -13.67
N ASP A 190 6.05 0.09 -14.77
CA ASP A 190 4.89 -0.69 -15.13
CA ASP A 190 4.91 -0.75 -15.15
C ASP A 190 4.61 -1.78 -14.07
N VAL A 191 5.66 -2.44 -13.59
CA VAL A 191 5.48 -3.48 -12.59
C VAL A 191 4.93 -2.93 -11.28
N TRP A 192 5.49 -1.81 -10.82
CA TRP A 192 5.03 -1.23 -9.58
C TRP A 192 3.61 -0.73 -9.73
N LYS A 193 3.28 -0.18 -10.89
CA LYS A 193 1.87 0.22 -11.10
C LYS A 193 0.92 -0.99 -11.05
N LYS A 194 1.29 -2.10 -11.72
CA LYS A 194 0.41 -3.30 -11.66
C LYS A 194 0.25 -3.80 -10.23
N PHE A 195 1.38 -3.84 -9.52
CA PHE A 195 1.39 -4.29 -8.16
C PHE A 195 0.52 -3.40 -7.27
N LEU A 196 0.80 -2.11 -7.29
CA LEU A 196 0.11 -1.20 -6.37
C LEU A 196 -1.39 -1.09 -6.71
N ASN A 197 -1.74 -1.14 -8.00
CA ASN A 197 -3.14 -1.18 -8.40
C ASN A 197 -3.86 -2.45 -7.94
N THR A 198 -3.14 -3.56 -7.92
CA THR A 198 -3.71 -4.81 -7.40
C THR A 198 -3.89 -4.71 -5.88
N VAL A 199 -2.95 -4.05 -5.17
CA VAL A 199 -3.17 -3.84 -3.75
C VAL A 199 -4.43 -3.01 -3.51
N ILE A 200 -4.59 -1.94 -4.30
CA ILE A 200 -5.82 -1.12 -4.16
C ILE A 200 -7.07 -1.96 -4.41
N SER A 201 -7.09 -2.73 -5.51
CA SER A 201 -8.33 -3.45 -5.83
C SER A 201 -8.67 -4.48 -4.73
N GLN A 202 -7.65 -5.19 -4.23
CA GLN A 202 -7.95 -6.25 -3.24
C GLN A 202 -8.28 -5.70 -1.88
N MET A 203 -7.65 -4.58 -1.50
CA MET A 203 -8.07 -3.97 -0.24
CA MET A 203 -8.01 -3.85 -0.26
C MET A 203 -9.45 -3.38 -0.38
N THR A 204 -9.75 -2.78 -1.52
CA THR A 204 -11.06 -2.20 -1.72
C THR A 204 -12.15 -3.29 -1.67
N ASP A 205 -11.92 -4.40 -2.37
CA ASP A 205 -12.93 -5.44 -2.47
C ASP A 205 -13.16 -6.15 -1.15
N SER A 206 -12.05 -6.42 -0.44
CA SER A 206 -12.18 -7.11 0.83
C SER A 206 -12.86 -6.20 1.88
N PHE A 207 -12.47 -4.94 1.90
CA PHE A 207 -13.14 -3.97 2.75
C PHE A 207 -14.67 -3.91 2.47
N GLU A 208 -15.03 -3.81 1.19
CA GLU A 208 -16.40 -3.56 0.82
C GLU A 208 -17.26 -4.75 1.27
N LEU A 209 -16.74 -5.94 1.07
CA LEU A 209 -17.47 -7.16 1.44
C LEU A 209 -17.64 -7.26 2.95
N GLU A 210 -16.56 -6.97 3.68
CA GLU A 210 -16.60 -7.08 5.13
C GLU A 210 -17.57 -6.06 5.71
N ARG A 211 -17.56 -4.84 5.17
CA ARG A 211 -18.52 -3.85 5.61
C ARG A 211 -19.97 -4.29 5.31
N ALA A 212 -20.21 -4.83 4.12
CA ALA A 212 -21.56 -5.26 3.74
C ALA A 212 -22.06 -6.35 4.69
N LYS A 213 -21.17 -7.27 5.06
CA LYS A 213 -21.54 -8.38 5.94
C LYS A 213 -21.86 -7.91 7.35
N GLN A 214 -21.04 -7.00 7.86
CA GLN A 214 -21.26 -6.41 9.18
C GLN A 214 -22.52 -5.56 9.19
N LYS A 215 -22.89 -5.08 7.99
CA LYS A 215 -24.11 -4.34 7.70
C LYS A 215 -23.93 -2.82 7.73
CHA HEM B . -4.02 0.03 10.50
CHB HEM B . -2.02 -0.68 6.14
CHC HEM B . -4.82 2.76 4.29
CHD HEM B . -6.20 3.99 8.73
C1A HEM B . -3.30 -0.48 9.47
C2A HEM B . -2.45 -1.65 9.55
C3A HEM B . -1.91 -1.83 8.33
C4A HEM B . -2.39 -0.77 7.47
CMA HEM B . -0.91 -2.92 7.86
CAA HEM B . -2.26 -2.54 10.83
CBA HEM B . -2.76 -3.96 10.60
CGA HEM B . -4.20 -3.89 10.31
O1A HEM B . -4.92 -3.21 11.08
O2A HEM B . -4.57 -4.50 9.28
C1B HEM B . -2.67 0.16 5.29
C2B HEM B . -2.53 0.13 3.84
C3B HEM B . -3.30 1.06 3.33
C4B HEM B . -3.95 1.73 4.43
CMB HEM B . -1.65 -0.86 3.05
CAB HEM B . -3.47 1.33 1.81
CBB HEM B . -3.90 2.49 1.41
C1C HEM B . -5.44 3.37 5.32
C2C HEM B . -6.34 4.50 5.19
C3C HEM B . -6.73 4.84 6.41
C4C HEM B . -6.07 3.97 7.36
CMC HEM B . -6.77 5.13 3.85
CAC HEM B . -7.71 6.00 6.72
CBC HEM B . -8.40 5.91 7.84
C1D HEM B . -5.68 3.10 9.60
C2D HEM B . -5.71 3.23 11.03
C3D HEM B . -5.05 2.01 11.56
C4D HEM B . -4.67 1.23 10.41
CMD HEM B . -6.30 4.38 11.88
CAD HEM B . -4.78 1.67 13.05
CBD HEM B . -3.29 1.99 13.30
CGD HEM B . -2.94 3.48 13.27
O1D HEM B . -3.80 4.35 13.46
O2D HEM B . -1.76 3.76 13.07
NA HEM B . -3.23 0.06 8.18
NB HEM B . -3.56 1.17 5.65
NC HEM B . -5.31 3.09 6.66
ND HEM B . -5.05 1.90 9.27
FE HEM B . -4.27 1.55 7.46
S SO4 C . -12.21 -12.33 1.73
O1 SO4 C . -13.35 -11.99 0.87
O2 SO4 C . -11.58 -11.07 2.12
O3 SO4 C . -12.69 -13.04 2.90
O4 SO4 C . -11.23 -13.17 1.03
C ACT D . 5.87 -16.90 -14.84
O ACT D . 5.25 -17.65 -15.64
OXT ACT D . 6.91 -16.36 -15.28
CH3 ACT D . 5.37 -16.70 -13.45
C ACT E . -6.32 -0.66 15.45
O ACT E . -6.76 -1.21 14.44
OXT ACT E . -5.13 -0.94 15.72
CH3 ACT E . -7.21 0.23 16.22
C ACT F . -8.38 19.98 10.94
O ACT F . -8.15 20.72 11.92
OXT ACT F . -9.42 20.24 10.34
CH3 ACT F . -7.42 18.96 10.47
C ACT G . -8.06 23.48 19.77
O ACT G . -8.13 23.72 18.54
OXT ACT G . -6.99 22.96 20.14
CH3 ACT G . -9.16 23.81 20.74
#